data_4CXW
#
_entry.id   4CXW
#
_cell.length_a   141.613
_cell.length_b   141.613
_cell.length_c   83.812
_cell.angle_alpha   90.00
_cell.angle_beta   90.00
_cell.angle_gamma   120.00
#
_symmetry.space_group_name_H-M   'H 3'
#
loop_
_entity.id
_entity.type
_entity.pdbx_description
1 polymer 'ALPHA-KETOGLUTARATE-DEPENDENT DIOXYGENASE FTO'
2 non-polymer 'NICKEL (II) ION'
3 non-polymer "(2E)-4-[N'-(4-benzyl-pyridine-3-carbonyl)-hydrazino]-4-oxo-but-2-enoic acid"
4 water water
#
_entity_poly.entity_id   1
_entity_poly.type   'polypeptide(L)'
_entity_poly.pdbx_seq_one_letter_code
;MGSSHHHHHHSSGLVPRGSHMTPKDDEFYQQWQLKYPKLILREASSVSEELHKEVQEAFLTLHKHGCLFRDLVRIQGKDL
LTPVSRILIGNPGCTYKYLNTRLFTVPWPVKGSNIKHTEAEIAAACETFLKLNDYLQIETIQALEELAAKEKANEDAVPL
CMSADFPRVGMGSSYNGQDEVDIKSRAAYNVTLLNFMDPQKMPYLKEEPYFGMGKMAVSWHHDENLVDRSAVAVYSYSCE
GPEEESEDDSHLEGRDPDIWHVGFKISWDIETPGLAIPLHQGDCYFMLDDLNATHQHCVLAGSQPRFSSTHRVAECSTGT
LDYILQRCQLALQNVCDDVDNDDVSLKSFEPAVLKQGEEIHNEVEFEWLRQFWFQGNRYRKCTDWWCQPMAQLEALWKKM
EGVTNAVLHEVKREGLPVEQRNEILTAILASLTARQNLRREWHARCQSRIARTLPADQKPECRPYWEKDDASMPLPFDLT
DIVSELRGQLLEAKP
;
_entity_poly.pdbx_strand_id   A
#
loop_
_chem_comp.id
_chem_comp.type
_chem_comp.name
_chem_comp.formula
6MK non-polymer '(2E)-4-[N'-(4-benzyl-pyridine-3-carbonyl)-hydrazino]-4-oxo-but-2-enoic acid' 'C17 H15 N3 O4'
NI non-polymer 'NICKEL (II) ION' 'Ni 2'
#
# COMPACT_ATOMS: atom_id res chain seq x y z
N ARG A 17 -4.00 34.53 -13.51
CA ARG A 17 -3.68 33.59 -12.43
C ARG A 17 -4.35 32.24 -12.63
N GLY A 18 -4.25 31.38 -11.61
CA GLY A 18 -4.87 30.08 -11.66
C GLY A 18 -6.35 30.14 -11.36
N SER A 19 -7.14 29.52 -12.23
CA SER A 19 -8.61 29.51 -12.12
C SER A 19 -9.13 28.13 -11.70
N HIS A 20 -10.31 28.07 -11.09
CA HIS A 20 -10.98 26.78 -10.90
C HIS A 20 -12.53 26.89 -11.03
N MET A 21 -13.20 25.82 -11.49
CA MET A 21 -14.65 25.83 -11.72
C MET A 21 -15.47 24.88 -10.83
N THR A 22 -16.65 25.33 -10.44
CA THR A 22 -17.57 24.51 -9.66
C THR A 22 -18.97 24.61 -10.29
N PRO A 23 -19.94 23.76 -9.84
CA PRO A 23 -21.32 23.84 -10.34
C PRO A 23 -21.90 25.28 -10.50
N LYS A 24 -21.40 26.21 -9.69
CA LYS A 24 -21.80 27.62 -9.72
C LYS A 24 -21.50 28.28 -11.08
N ASP A 25 -20.37 27.93 -11.67
CA ASP A 25 -19.94 28.50 -12.95
C ASP A 25 -20.62 27.84 -14.14
N ASP A 26 -20.77 28.62 -15.22
CA ASP A 26 -21.53 28.19 -16.38
C ASP A 26 -20.68 27.29 -17.25
N GLU A 27 -19.40 27.64 -17.30
CA GLU A 27 -18.41 26.88 -18.04
C GLU A 27 -18.15 25.51 -17.45
N PHE A 28 -18.55 25.31 -16.20
CA PHE A 28 -18.22 24.10 -15.45
C PHE A 28 -18.76 22.84 -16.12
N TYR A 29 -20.05 22.82 -16.40
CA TYR A 29 -20.67 21.62 -16.92
C TYR A 29 -20.26 21.28 -18.38
N GLN A 30 -19.54 22.18 -19.04
CA GLN A 30 -19.12 21.97 -20.42
C GLN A 30 -17.62 21.77 -20.45
N GLN A 31 -17.00 22.04 -19.31
CA GLN A 31 -15.59 21.80 -19.15
C GLN A 31 -15.43 20.36 -18.71
N TRP A 32 -16.42 19.90 -17.96
CA TRP A 32 -16.49 18.54 -17.48
C TRP A 32 -16.61 17.58 -18.67
N GLN A 33 -17.44 17.90 -19.65
CA GLN A 33 -17.65 17.00 -20.76
C GLN A 33 -16.47 16.98 -21.77
N LEU A 34 -15.73 18.08 -21.88
CA LEU A 34 -14.63 18.16 -22.86
C LEU A 34 -13.28 17.67 -22.33
N LYS A 35 -12.90 18.07 -21.12
CA LYS A 35 -11.57 17.68 -20.60
C LYS A 35 -11.56 16.71 -19.36
N TYR A 36 -12.73 16.34 -18.80
CA TYR A 36 -12.79 15.26 -17.80
C TYR A 36 -13.97 14.32 -17.92
N PRO A 37 -14.27 13.78 -19.13
CA PRO A 37 -15.45 12.91 -19.21
C PRO A 37 -15.29 11.58 -18.46
N LYS A 38 -14.05 11.15 -18.19
CA LYS A 38 -13.79 9.87 -17.52
C LYS A 38 -13.95 9.99 -16.01
N LEU A 39 -14.16 11.20 -15.54
CA LEU A 39 -14.63 11.41 -14.18
C LEU A 39 -16.16 11.32 -14.15
N ILE A 40 -16.68 10.59 -13.17
CA ILE A 40 -18.11 10.29 -13.09
C ILE A 40 -18.60 10.52 -11.68
N LEU A 41 -19.82 11.05 -11.58
CA LEU A 41 -20.45 11.37 -10.31
C LEU A 41 -21.76 10.57 -10.20
N ARG A 42 -22.12 10.18 -8.99
CA ARG A 42 -23.42 9.53 -8.71
C ARG A 42 -23.85 10.01 -7.35
N GLU A 43 -24.85 10.87 -7.30
CA GLU A 43 -25.20 11.49 -6.04
C GLU A 43 -25.94 10.50 -5.17
N ALA A 44 -26.15 10.88 -3.90
CA ALA A 44 -26.64 9.96 -2.87
C ALA A 44 -27.96 9.24 -3.24
N SER A 45 -28.61 9.73 -4.28
CA SER A 45 -29.94 9.27 -4.72
C SER A 45 -29.88 8.02 -5.58
N SER A 46 -28.68 7.68 -6.05
CA SER A 46 -28.48 6.49 -6.84
C SER A 46 -28.10 5.30 -5.96
N VAL A 47 -28.33 5.45 -4.65
CA VAL A 47 -28.01 4.44 -3.65
C VAL A 47 -29.15 4.31 -2.63
N SER A 48 -29.61 3.09 -2.36
CA SER A 48 -30.70 2.86 -1.39
C SER A 48 -30.37 3.50 -0.04
N GLU A 49 -31.35 4.10 0.64
CA GLU A 49 -31.02 4.81 1.88
C GLU A 49 -30.76 3.86 3.03
N GLU A 50 -31.04 2.58 2.82
CA GLU A 50 -30.74 1.58 3.84
C GLU A 50 -29.27 1.17 3.71
N LEU A 51 -28.79 0.95 2.47
CA LEU A 51 -27.35 0.84 2.27
C LEU A 51 -26.62 2.09 2.82
N HIS A 52 -27.27 3.24 2.75
CA HIS A 52 -26.64 4.51 3.15
C HIS A 52 -26.22 4.54 4.62
N LYS A 53 -27.15 4.13 5.48
CA LYS A 53 -26.92 3.92 6.91
C LYS A 53 -26.00 2.74 7.28
N GLU A 54 -26.17 1.60 6.63
CA GLU A 54 -25.31 0.44 6.92
C GLU A 54 -23.94 0.57 6.21
N VAL A 55 -23.57 1.80 5.87
CA VAL A 55 -22.20 2.18 5.44
C VAL A 55 -21.68 3.31 6.35
N GLN A 56 -22.62 4.15 6.78
CA GLN A 56 -22.36 5.22 7.74
C GLN A 56 -22.27 4.64 9.15
N GLU A 57 -22.48 3.32 9.20
CA GLU A 57 -22.46 2.46 10.41
C GLU A 57 -21.06 2.23 11.00
N ALA A 58 -20.09 2.06 10.11
CA ALA A 58 -18.96 1.19 10.37
C ALA A 58 -17.86 2.09 10.15
N PHE A 59 -18.08 3.05 9.27
CA PHE A 59 -17.27 4.24 9.29
C PHE A 59 -17.09 4.67 10.77
N LEU A 60 -18.16 4.63 11.57
CA LEU A 60 -17.99 4.93 12.99
C LEU A 60 -17.86 3.70 13.89
N THR A 61 -18.51 2.59 13.57
CA THR A 61 -18.21 1.34 14.27
C THR A 61 -16.69 1.13 14.30
N LEU A 62 -16.08 1.08 13.12
CA LEU A 62 -14.62 1.01 13.03
C LEU A 62 -13.93 2.26 13.56
N HIS A 63 -14.60 3.40 13.50
CA HIS A 63 -13.93 4.62 13.90
C HIS A 63 -13.55 4.62 15.36
N LYS A 64 -14.49 4.29 16.24
CA LYS A 64 -14.08 4.26 17.62
C LYS A 64 -14.09 2.86 18.28
N HIS A 65 -13.79 1.75 17.57
CA HIS A 65 -13.05 0.77 18.30
C HIS A 65 -11.65 1.06 17.69
N GLY A 66 -11.43 2.27 17.18
CA GLY A 66 -10.12 2.80 16.77
C GLY A 66 -9.24 1.92 15.87
N CYS A 67 -9.73 1.63 14.67
CA CYS A 67 -8.99 0.80 13.73
C CYS A 67 -8.19 1.67 12.76
N LEU A 68 -8.50 2.97 12.69
CA LEU A 68 -7.92 3.81 11.67
C LEU A 68 -6.69 4.53 12.19
N PHE A 69 -5.59 4.39 11.47
CA PHE A 69 -4.32 4.93 11.90
C PHE A 69 -3.71 5.86 10.89
N ARG A 70 -3.03 6.88 11.38
CA ARG A 70 -2.22 7.70 10.50
C ARG A 70 -0.94 6.93 10.15
N ASP A 71 -0.57 6.92 8.88
CA ASP A 71 0.62 6.16 8.49
C ASP A 71 1.88 7.01 8.52
N LEU A 72 2.98 6.39 8.93
CA LEU A 72 4.27 7.05 8.95
C LEU A 72 4.99 6.77 7.61
N VAL A 73 4.52 7.42 6.54
CA VAL A 73 4.97 7.16 5.17
C VAL A 73 6.29 7.82 4.85
N ARG A 74 6.75 7.62 3.61
CA ARG A 74 7.96 8.27 3.11
C ARG A 74 7.67 8.95 1.78
N ILE A 75 7.99 10.23 1.70
CA ILE A 75 7.85 11.02 0.48
C ILE A 75 9.17 11.76 0.30
N GLN A 76 9.68 11.80 -0.93
CA GLN A 76 10.84 12.62 -1.31
C GLN A 76 12.00 12.60 -0.30
N GLY A 77 12.28 11.43 0.28
CA GLY A 77 13.42 11.27 1.19
C GLY A 77 13.15 11.61 2.65
N LYS A 78 12.00 12.22 2.93
CA LYS A 78 11.63 12.69 4.28
C LYS A 78 10.47 11.87 4.87
N ASP A 79 10.52 11.58 6.17
CA ASP A 79 9.43 10.82 6.83
C ASP A 79 8.29 11.65 7.42
N LEU A 80 7.08 11.38 6.96
CA LEU A 80 5.91 12.17 7.30
C LEU A 80 4.83 11.39 8.03
N LEU A 81 4.05 12.08 8.87
CA LEU A 81 2.89 11.47 9.47
C LEU A 81 1.67 12.04 8.77
N THR A 82 0.98 11.19 8.02
CA THR A 82 -0.15 11.66 7.24
C THR A 82 -1.35 12.12 8.06
N PRO A 83 -1.86 13.31 7.72
CA PRO A 83 -3.09 13.91 8.26
C PRO A 83 -4.24 12.92 8.36
N VAL A 84 -4.47 12.24 7.25
CA VAL A 84 -5.57 11.32 7.13
C VAL A 84 -5.28 10.04 7.91
N SER A 85 -6.30 9.51 8.58
CA SER A 85 -6.20 8.20 9.23
C SER A 85 -6.77 7.17 8.28
N ARG A 86 -6.23 5.96 8.26
CA ARG A 86 -6.59 5.00 7.22
C ARG A 86 -6.76 3.58 7.72
N ILE A 87 -7.35 2.73 6.89
CA ILE A 87 -7.33 1.30 7.14
C ILE A 87 -7.61 0.53 5.85
N LEU A 88 -6.85 -0.53 5.61
CA LEU A 88 -7.08 -1.35 4.43
C LEU A 88 -7.97 -2.53 4.73
N ILE A 89 -9.13 -2.54 4.09
CA ILE A 89 -10.05 -3.65 4.19
C ILE A 89 -10.11 -4.28 2.81
N GLY A 90 -10.33 -5.58 2.72
CA GLY A 90 -10.42 -6.22 1.42
C GLY A 90 -10.10 -7.69 1.40
N ASN A 91 -10.04 -8.25 0.19
CA ASN A 91 -9.60 -9.62 -0.05
C ASN A 91 -8.46 -10.06 0.85
N PRO A 92 -8.61 -11.26 1.44
CA PRO A 92 -7.63 -11.85 2.37
C PRO A 92 -6.32 -12.17 1.69
N GLY A 93 -5.20 -11.79 2.34
CA GLY A 93 -3.87 -12.06 1.83
C GLY A 93 -3.33 -10.96 0.90
N CYS A 94 -4.18 -9.95 0.68
CA CYS A 94 -3.89 -8.88 -0.23
C CYS A 94 -3.21 -7.72 0.46
N THR A 95 -2.22 -7.14 -0.20
CA THR A 95 -1.57 -5.93 0.29
C THR A 95 -1.79 -4.81 -0.75
N TYR A 96 -1.57 -3.56 -0.34
CA TYR A 96 -1.64 -2.40 -1.23
C TYR A 96 -0.56 -1.43 -0.80
N LYS A 97 0.40 -1.17 -1.67
CA LYS A 97 1.58 -0.42 -1.23
C LYS A 97 1.63 0.94 -1.88
N TYR A 98 1.51 1.98 -1.07
CA TYR A 98 1.65 3.32 -1.58
C TYR A 98 2.66 4.07 -0.72
N LEU A 99 3.59 4.74 -1.37
CA LEU A 99 4.60 5.56 -0.69
C LEU A 99 5.52 4.70 0.16
N ASN A 100 6.02 3.62 -0.42
CA ASN A 100 6.91 2.71 0.27
C ASN A 100 6.29 2.25 1.62
N THR A 101 4.98 2.14 1.65
CA THR A 101 4.30 1.66 2.84
C THR A 101 3.33 0.53 2.50
N ARG A 102 3.64 -0.71 2.89
CA ARG A 102 2.74 -1.79 2.52
C ARG A 102 1.59 -1.94 3.50
N LEU A 103 0.38 -1.63 3.06
CA LEU A 103 -0.81 -1.84 3.87
C LEU A 103 -1.37 -3.26 3.72
N PHE A 104 -1.71 -3.90 4.84
CA PHE A 104 -2.28 -5.25 4.81
C PHE A 104 -3.77 -5.26 5.16
N THR A 105 -4.51 -6.13 4.47
CA THR A 105 -5.96 -6.12 4.56
C THR A 105 -6.53 -6.69 5.85
N VAL A 106 -7.33 -5.88 6.54
CA VAL A 106 -8.36 -6.40 7.41
C VAL A 106 -9.35 -7.10 6.48
N PRO A 107 -9.59 -8.40 6.66
CA PRO A 107 -10.21 -9.15 5.56
C PRO A 107 -11.75 -9.09 5.41
N TRP A 108 -12.18 -9.36 4.18
CA TRP A 108 -13.58 -9.52 3.80
C TRP A 108 -14.12 -10.91 3.98
N PRO A 109 -15.41 -11.02 4.29
CA PRO A 109 -16.13 -12.28 4.13
C PRO A 109 -16.28 -12.65 2.65
N VAL A 110 -15.17 -12.98 2.02
CA VAL A 110 -15.14 -13.34 0.60
C VAL A 110 -15.41 -14.85 0.43
N LYS A 111 -15.86 -15.19 -0.77
CA LYS A 111 -16.35 -16.50 -1.09
C LYS A 111 -15.28 -17.53 -0.80
N GLY A 112 -15.75 -18.63 -0.22
CA GLY A 112 -14.93 -19.64 0.43
C GLY A 112 -14.35 -19.10 1.73
N THR A 118 -11.50 -9.39 13.27
CA THR A 118 -12.25 -10.61 13.50
C THR A 118 -13.18 -10.50 14.72
N GLU A 119 -13.28 -9.31 15.30
CA GLU A 119 -14.17 -9.09 16.44
C GLU A 119 -15.59 -8.94 15.83
N ALA A 120 -16.65 -9.08 16.63
CA ALA A 120 -18.03 -9.22 16.11
C ALA A 120 -18.54 -8.01 15.30
N GLU A 121 -18.36 -6.80 15.84
CA GLU A 121 -18.74 -5.56 15.17
C GLU A 121 -17.81 -5.27 13.98
N ILE A 122 -16.51 -5.32 14.22
CA ILE A 122 -15.50 -5.12 13.19
C ILE A 122 -15.72 -6.00 11.97
N ALA A 123 -16.01 -7.27 12.19
CA ALA A 123 -16.16 -8.22 11.08
C ALA A 123 -17.46 -7.98 10.31
N ALA A 124 -18.37 -7.24 10.93
CA ALA A 124 -19.60 -6.81 10.26
C ALA A 124 -19.34 -5.58 9.37
N ALA A 125 -18.49 -4.69 9.88
CA ALA A 125 -18.01 -3.54 9.13
C ALA A 125 -17.40 -3.99 7.81
N CYS A 126 -16.48 -4.96 7.90
CA CYS A 126 -15.83 -5.51 6.73
C CYS A 126 -16.80 -6.15 5.76
N GLU A 127 -17.74 -6.95 6.28
CA GLU A 127 -18.67 -7.59 5.36
C GLU A 127 -19.48 -6.54 4.64
N THR A 128 -19.72 -5.43 5.33
CA THR A 128 -20.49 -4.36 4.75
C THR A 128 -19.80 -3.73 3.55
N PHE A 129 -18.59 -3.22 3.76
CA PHE A 129 -17.85 -2.61 2.66
C PHE A 129 -17.65 -3.58 1.49
N LEU A 130 -17.75 -4.88 1.75
CA LEU A 130 -17.81 -5.86 0.66
C LEU A 130 -19.12 -5.69 -0.11
N LYS A 131 -20.23 -5.47 0.60
CA LYS A 131 -21.52 -5.29 -0.08
C LYS A 131 -21.49 -3.99 -0.89
N LEU A 132 -21.05 -2.90 -0.24
CA LEU A 132 -20.79 -1.64 -0.93
C LEU A 132 -19.96 -1.90 -2.19
N ASN A 133 -18.79 -2.50 -1.99
CA ASN A 133 -17.89 -2.90 -3.07
C ASN A 133 -18.60 -3.59 -4.21
N ASP A 134 -19.45 -4.55 -3.88
CA ASP A 134 -20.21 -5.28 -4.89
C ASP A 134 -21.03 -4.31 -5.73
N TYR A 135 -21.73 -3.42 -5.01
CA TYR A 135 -22.63 -2.44 -5.62
C TYR A 135 -21.88 -1.54 -6.57
N LEU A 136 -20.86 -0.86 -6.05
CA LEU A 136 -20.08 0.06 -6.88
C LEU A 136 -19.56 -0.68 -8.10
N GLN A 137 -19.10 -1.93 -7.91
CA GLN A 137 -18.43 -2.62 -9.00
C GLN A 137 -19.42 -2.95 -10.11
N ILE A 138 -20.70 -3.08 -9.75
CA ILE A 138 -21.78 -3.17 -10.75
C ILE A 138 -21.82 -1.84 -11.49
N GLU A 139 -22.09 -0.79 -10.72
CA GLU A 139 -22.22 0.57 -11.24
C GLU A 139 -21.01 1.02 -12.08
N THR A 140 -19.82 0.60 -11.68
CA THR A 140 -18.62 0.90 -12.44
C THR A 140 -18.71 0.26 -13.80
N ILE A 141 -19.12 -1.01 -13.84
CA ILE A 141 -19.17 -1.73 -15.10
C ILE A 141 -20.19 -1.07 -16.02
N GLN A 142 -21.36 -0.83 -15.46
CA GLN A 142 -22.47 -0.17 -16.15
C GLN A 142 -22.02 1.09 -16.85
N ALA A 143 -21.38 1.98 -16.11
CA ALA A 143 -20.94 3.27 -16.64
C ALA A 143 -19.76 3.11 -17.58
N LEU A 144 -19.01 2.01 -17.43
CA LEU A 144 -17.88 1.76 -18.31
C LEU A 144 -18.37 1.29 -19.67
N GLU A 145 -19.49 0.58 -19.67
CA GLU A 145 -20.12 0.18 -20.91
C GLU A 145 -20.65 1.41 -21.61
N GLU A 146 -21.49 2.18 -20.92
CA GLU A 146 -22.01 3.41 -21.51
C GLU A 146 -20.87 4.34 -21.97
N LEU A 147 -19.76 4.39 -21.21
CA LEU A 147 -18.62 5.17 -21.67
C LEU A 147 -18.12 4.62 -22.98
N ALA A 148 -18.01 3.29 -23.05
CA ALA A 148 -17.47 2.63 -24.24
C ALA A 148 -18.46 2.72 -25.43
N ALA A 149 -19.75 2.81 -25.11
CA ALA A 149 -20.82 2.92 -26.10
C ALA A 149 -20.87 4.32 -26.74
N LYS A 150 -19.90 5.16 -26.44
CA LYS A 150 -19.86 6.52 -26.95
C LYS A 150 -18.72 6.70 -27.97
N GLU A 151 -17.68 5.87 -27.88
CA GLU A 151 -16.53 6.05 -28.78
C GLU A 151 -16.60 5.13 -30.00
N LYS A 152 -17.77 4.59 -30.26
CA LYS A 152 -18.01 3.98 -31.55
C LYS A 152 -19.47 4.12 -31.94
N ASP A 179 -12.05 -6.04 -24.82
CA ASP A 179 -13.25 -6.88 -24.78
C ASP A 179 -14.06 -6.55 -23.51
N GLU A 180 -15.17 -7.24 -23.29
CA GLU A 180 -16.00 -6.99 -22.11
C GLU A 180 -15.52 -7.81 -20.91
N VAL A 181 -14.32 -8.36 -21.02
CA VAL A 181 -13.66 -9.00 -19.89
C VAL A 181 -12.56 -8.07 -19.38
N ASP A 182 -12.03 -7.23 -20.29
CA ASP A 182 -11.28 -6.03 -19.88
C ASP A 182 -12.11 -5.16 -18.96
N ILE A 183 -13.36 -4.91 -19.36
CA ILE A 183 -14.23 -4.05 -18.59
C ILE A 183 -14.45 -4.63 -17.19
N LYS A 184 -14.61 -5.94 -17.07
CA LYS A 184 -14.91 -6.54 -15.77
C LYS A 184 -13.71 -6.60 -14.82
N SER A 185 -12.52 -6.80 -15.40
CA SER A 185 -11.31 -6.87 -14.59
C SER A 185 -10.96 -5.52 -13.97
N ARG A 186 -11.18 -4.47 -14.77
CA ARG A 186 -10.92 -3.10 -14.37
C ARG A 186 -11.97 -2.55 -13.42
N ALA A 187 -12.88 -3.41 -12.97
CA ALA A 187 -13.88 -3.06 -11.96
C ALA A 187 -13.90 -4.12 -10.85
N ALA A 188 -13.15 -5.20 -11.08
CA ALA A 188 -13.01 -6.28 -10.10
C ALA A 188 -12.22 -5.82 -8.89
N TYR A 189 -12.79 -4.90 -8.11
CA TYR A 189 -12.09 -4.34 -6.96
C TYR A 189 -11.70 -5.42 -5.96
N ASN A 190 -10.43 -5.43 -5.57
CA ASN A 190 -10.00 -6.38 -4.56
C ASN A 190 -9.75 -5.78 -3.17
N VAL A 191 -9.65 -4.45 -3.07
CA VAL A 191 -9.48 -3.79 -1.76
C VAL A 191 -10.22 -2.45 -1.68
N THR A 192 -10.28 -1.92 -0.46
CA THR A 192 -10.68 -0.54 -0.29
C THR A 192 -9.82 0.07 0.79
N LEU A 193 -9.49 1.34 0.62
CA LEU A 193 -8.71 2.06 1.59
C LEU A 193 -9.69 3.06 2.16
N LEU A 194 -10.00 2.90 3.44
CA LEU A 194 -10.83 3.86 4.16
C LEU A 194 -10.00 5.05 4.62
N ASN A 195 -10.51 6.26 4.44
CA ASN A 195 -9.80 7.44 4.91
C ASN A 195 -10.67 8.24 5.88
N PHE A 196 -10.10 8.72 6.98
CA PHE A 196 -10.85 9.63 7.86
C PHE A 196 -10.04 10.87 8.23
N MET A 197 -10.66 12.05 8.12
CA MET A 197 -10.07 13.27 8.68
C MET A 197 -11.10 14.19 9.35
N ASP A 198 -10.69 14.68 10.52
CA ASP A 198 -11.37 15.73 11.28
C ASP A 198 -10.51 16.99 11.17
N PRO A 199 -11.00 18.02 10.45
CA PRO A 199 -10.28 19.25 10.05
C PRO A 199 -9.80 20.11 11.22
N GLN A 200 -10.61 20.07 12.28
CA GLN A 200 -10.31 20.77 13.52
C GLN A 200 -9.14 20.10 14.25
N LYS A 201 -8.56 19.07 13.62
CA LYS A 201 -7.36 18.36 14.11
C LYS A 201 -7.57 17.87 15.54
N LEU A 205 -3.20 22.56 7.73
CA LEU A 205 -3.54 22.18 6.35
C LEU A 205 -2.99 23.17 5.31
N LYS A 206 -2.41 22.60 4.25
CA LYS A 206 -1.71 23.37 3.22
C LYS A 206 -2.67 24.11 2.29
N GLU A 207 -2.20 25.22 1.76
CA GLU A 207 -2.99 25.99 0.81
C GLU A 207 -2.79 25.45 -0.65
N GLU A 208 -3.85 24.86 -1.24
CA GLU A 208 -3.82 24.47 -2.65
C GLU A 208 -3.21 25.58 -3.48
N PRO A 209 -2.05 25.27 -4.10
CA PRO A 209 -1.17 26.23 -4.77
C PRO A 209 -1.69 26.82 -6.07
N TYR A 210 -2.10 25.98 -7.01
CA TYR A 210 -2.17 26.38 -8.41
C TYR A 210 -3.49 27.05 -8.87
N PHE A 211 -4.60 26.77 -8.18
CA PHE A 211 -5.90 27.31 -8.59
C PHE A 211 -6.68 27.96 -7.45
N GLY A 212 -6.02 28.17 -6.31
CA GLY A 212 -6.69 28.67 -5.12
C GLY A 212 -7.94 27.89 -4.77
N MET A 213 -7.77 26.62 -4.42
CA MET A 213 -8.90 25.75 -4.11
C MET A 213 -9.07 25.65 -2.59
N GLY A 214 -8.18 26.29 -1.85
CA GLY A 214 -8.28 26.22 -0.41
C GLY A 214 -7.53 25.05 0.16
N LYS A 215 -7.98 24.60 1.31
CA LYS A 215 -7.14 23.74 2.12
C LYS A 215 -7.30 22.28 1.70
N MET A 216 -6.18 21.56 1.70
CA MET A 216 -6.14 20.19 1.19
C MET A 216 -6.02 19.11 2.27
N ALA A 217 -6.96 18.17 2.31
CA ALA A 217 -6.79 16.97 3.14
C ALA A 217 -5.71 16.06 2.56
N VAL A 218 -5.73 15.97 1.23
CA VAL A 218 -4.75 15.22 0.44
C VAL A 218 -4.20 16.10 -0.72
N SER A 219 -2.88 16.20 -0.85
CA SER A 219 -2.28 17.03 -1.89
C SER A 219 -2.34 16.37 -3.29
N TRP A 220 -2.22 17.20 -4.33
CA TRP A 220 -2.19 16.74 -5.74
C TRP A 220 -1.29 15.53 -5.98
N HIS A 221 -1.91 14.41 -6.35
CA HIS A 221 -1.20 13.15 -6.54
C HIS A 221 -1.85 12.28 -7.61
N HIS A 222 -1.18 11.15 -7.92
CA HIS A 222 -1.71 10.09 -8.79
C HIS A 222 -1.93 8.87 -7.94
N ASP A 223 -2.89 8.01 -8.27
CA ASP A 223 -3.01 6.79 -7.44
C ASP A 223 -1.97 5.70 -7.82
N GLU A 224 -1.24 5.23 -6.81
CA GLU A 224 -0.20 4.21 -6.98
C GLU A 224 -0.72 2.76 -6.93
N ASN A 225 0.07 1.87 -7.54
CA ASN A 225 -0.14 0.42 -7.48
C ASN A 225 -1.58 0.05 -7.92
N LEU A 226 -2.06 0.73 -8.94
CA LEU A 226 -3.31 0.31 -9.51
C LEU A 226 -3.06 -0.55 -10.74
N VAL A 227 -4.00 -1.46 -10.99
CA VAL A 227 -3.98 -2.20 -12.25
C VAL A 227 -4.11 -1.16 -13.38
N ASP A 228 -3.40 -1.40 -14.49
CA ASP A 228 -3.41 -0.44 -15.60
C ASP A 228 -4.81 -0.17 -16.15
N ARG A 229 -5.14 1.10 -16.30
CA ARG A 229 -6.46 1.56 -16.78
C ARG A 229 -7.60 1.03 -15.92
N SER A 230 -7.29 0.61 -14.70
CA SER A 230 -8.36 0.20 -13.80
C SER A 230 -8.99 1.45 -13.13
N ALA A 231 -10.25 1.29 -12.74
CA ALA A 231 -11.03 2.37 -12.16
C ALA A 231 -10.83 2.43 -10.66
N VAL A 232 -11.34 3.52 -10.09
CA VAL A 232 -11.49 3.65 -8.66
C VAL A 232 -12.87 4.22 -8.40
N ALA A 233 -13.57 3.66 -7.40
CA ALA A 233 -14.87 4.18 -6.99
C ALA A 233 -14.83 4.71 -5.57
N VAL A 234 -15.05 6.00 -5.39
CA VAL A 234 -15.07 6.54 -4.02
C VAL A 234 -16.48 6.73 -3.45
N TYR A 235 -16.75 6.17 -2.27
CA TYR A 235 -17.94 6.55 -1.49
C TYR A 235 -17.55 7.66 -0.56
N SER A 236 -18.30 8.76 -0.57
CA SER A 236 -17.89 9.90 0.25
C SER A 236 -18.95 10.32 1.28
N TYR A 237 -18.54 10.33 2.53
CA TYR A 237 -19.41 10.56 3.69
C TYR A 237 -18.96 11.80 4.48
N SER A 238 -19.57 12.95 4.18
CA SER A 238 -19.41 14.12 5.02
C SER A 238 -20.46 14.13 6.13
N CYS A 239 -19.97 14.37 7.33
CA CYS A 239 -20.87 14.73 8.40
C CYS A 239 -21.45 16.08 8.01
N GLU A 240 -22.73 16.28 8.30
CA GLU A 240 -23.42 17.58 8.24
C GLU A 240 -23.16 18.37 6.95
N LEU A 252 -20.17 33.76 -3.09
CA LEU A 252 -18.76 33.53 -2.78
C LEU A 252 -17.93 33.29 -4.04
N GLU A 253 -16.69 33.76 -4.02
CA GLU A 253 -15.79 33.68 -5.20
C GLU A 253 -15.16 32.29 -5.35
N GLY A 254 -15.78 31.43 -6.17
CA GLY A 254 -15.32 30.06 -6.25
C GLY A 254 -15.93 29.13 -5.19
N ARG A 255 -15.18 28.11 -4.76
CA ARG A 255 -15.75 26.99 -3.96
C ARG A 255 -15.92 27.26 -2.45
N ASP A 256 -17.05 26.75 -1.93
CA ASP A 256 -17.42 26.76 -0.51
C ASP A 256 -16.35 26.08 0.33
N PRO A 257 -15.75 26.80 1.30
CA PRO A 257 -14.74 26.14 2.15
C PRO A 257 -15.31 25.06 3.07
N ASP A 258 -16.56 25.21 3.54
CA ASP A 258 -17.13 24.29 4.54
C ASP A 258 -17.64 22.93 4.00
N ILE A 259 -17.61 22.75 2.68
CA ILE A 259 -18.01 21.46 2.09
C ILE A 259 -16.83 20.76 1.38
N TRP A 260 -16.79 19.43 1.45
CA TRP A 260 -15.66 18.69 0.91
C TRP A 260 -15.72 18.55 -0.63
N HIS A 261 -14.58 18.70 -1.27
CA HIS A 261 -14.50 18.56 -2.71
C HIS A 261 -13.38 17.62 -3.08
N VAL A 262 -13.55 16.90 -4.18
CA VAL A 262 -12.41 16.25 -4.82
C VAL A 262 -12.00 17.15 -5.98
N GLY A 263 -10.74 17.58 -6.00
CA GLY A 263 -10.25 18.41 -7.11
C GLY A 263 -9.64 17.62 -8.27
N PHE A 264 -9.58 18.22 -9.46
CA PHE A 264 -9.01 17.51 -10.61
C PHE A 264 -8.22 18.43 -11.52
N LYS A 265 -7.03 17.99 -11.91
CA LYS A 265 -6.20 18.72 -12.85
C LYS A 265 -5.56 17.80 -13.91
N ILE A 266 -5.33 18.32 -15.11
CA ILE A 266 -4.54 17.58 -16.08
C ILE A 266 -3.07 17.61 -15.68
N SER A 267 -2.36 16.53 -15.96
CA SER A 267 -0.96 16.41 -15.56
C SER A 267 -0.10 17.43 -16.31
N TRP A 268 0.94 17.93 -15.64
CA TRP A 268 1.86 18.92 -16.20
C TRP A 268 1.21 20.27 -16.50
N ASP A 269 -0.03 20.46 -16.06
CA ASP A 269 -0.88 21.55 -16.56
C ASP A 269 -1.62 22.34 -15.48
N ILE A 270 -1.10 23.52 -15.15
CA ILE A 270 -1.84 24.41 -14.27
C ILE A 270 -2.48 25.60 -15.02
N GLU A 271 -2.29 25.62 -16.33
CA GLU A 271 -2.92 26.64 -17.15
C GLU A 271 -4.41 26.36 -17.32
N THR A 272 -4.81 25.17 -17.77
CA THR A 272 -6.24 24.80 -17.75
C THR A 272 -6.81 24.97 -16.33
N PRO A 273 -8.02 25.53 -16.22
CA PRO A 273 -8.65 25.58 -14.90
C PRO A 273 -8.96 24.19 -14.35
N GLY A 274 -8.84 24.00 -13.04
CA GLY A 274 -9.07 22.70 -12.45
C GLY A 274 -10.51 22.50 -12.02
N LEU A 275 -10.96 21.25 -11.91
CA LEU A 275 -12.30 20.96 -11.39
C LEU A 275 -12.32 20.75 -9.88
N ALA A 276 -13.36 21.30 -9.26
CA ALA A 276 -13.61 21.13 -7.83
C ALA A 276 -15.01 20.58 -7.61
N ILE A 277 -15.13 19.27 -7.42
CA ILE A 277 -16.43 18.62 -7.31
C ILE A 277 -16.90 18.54 -5.88
N PRO A 278 -18.00 19.25 -5.55
CA PRO A 278 -18.62 19.14 -4.23
C PRO A 278 -19.11 17.72 -3.97
N LEU A 279 -18.63 17.17 -2.86
CA LEU A 279 -19.02 15.86 -2.38
C LEU A 279 -19.82 16.05 -1.09
N HIS A 280 -21.08 15.64 -1.12
CA HIS A 280 -21.89 15.73 0.09
C HIS A 280 -22.00 14.38 0.80
N GLN A 281 -22.86 14.29 1.80
CA GLN A 281 -23.05 13.03 2.51
C GLN A 281 -23.73 11.99 1.60
N GLY A 282 -22.98 10.97 1.17
CA GLY A 282 -23.51 9.90 0.34
C GLY A 282 -22.99 9.83 -1.09
N ASP A 283 -22.57 10.98 -1.64
CA ASP A 283 -22.11 11.06 -3.02
C ASP A 283 -20.95 10.11 -3.33
N CYS A 284 -21.03 9.43 -4.48
CA CYS A 284 -19.91 8.65 -5.02
C CYS A 284 -19.33 9.26 -6.31
N TYR A 285 -18.01 9.26 -6.44
CA TYR A 285 -17.46 9.56 -7.75
C TYR A 285 -16.66 8.37 -8.28
N PHE A 286 -16.24 8.49 -9.54
CA PHE A 286 -15.62 7.37 -10.23
C PHE A 286 -14.53 7.86 -11.17
N MET A 287 -13.28 7.55 -10.86
CA MET A 287 -12.21 7.73 -11.85
C MET A 287 -12.13 6.50 -12.78
N LEU A 288 -12.42 6.72 -14.06
CA LEU A 288 -12.61 5.61 -14.99
C LEU A 288 -11.44 5.43 -15.96
N ASP A 289 -10.96 4.19 -16.04
CA ASP A 289 -9.87 3.84 -16.96
C ASP A 289 -8.61 4.67 -16.66
N ASP A 290 -8.09 5.31 -17.70
CA ASP A 290 -6.78 5.94 -17.68
C ASP A 290 -6.81 7.36 -17.12
N LEU A 291 -7.99 7.81 -16.69
CA LEU A 291 -8.13 9.17 -16.21
C LEU A 291 -7.21 9.42 -15.02
N ASN A 292 -7.09 8.44 -14.12
CA ASN A 292 -6.11 8.54 -13.05
C ASN A 292 -4.68 8.82 -13.54
N ALA A 293 -4.37 8.43 -14.78
CA ALA A 293 -2.99 8.51 -15.27
C ALA A 293 -2.68 9.82 -15.94
N THR A 294 -3.72 10.36 -16.59
CA THR A 294 -3.62 11.57 -17.39
C THR A 294 -3.92 12.77 -16.53
N HIS A 295 -4.56 12.47 -15.40
CA HIS A 295 -5.05 13.49 -14.51
C HIS A 295 -4.55 13.32 -13.09
N GLN A 296 -4.07 14.42 -12.51
CA GLN A 296 -3.84 14.49 -11.08
C GLN A 296 -5.15 14.74 -10.33
N HIS A 297 -5.24 14.24 -9.10
CA HIS A 297 -6.37 14.61 -8.25
C HIS A 297 -5.96 14.94 -6.80
N CYS A 298 -6.93 15.45 -6.04
CA CYS A 298 -6.69 15.82 -4.65
C CYS A 298 -8.00 15.96 -3.89
N VAL A 299 -7.89 16.24 -2.59
CA VAL A 299 -9.06 16.34 -1.72
C VAL A 299 -9.12 17.70 -1.02
N LEU A 300 -10.23 18.37 -1.13
CA LEU A 300 -10.36 19.68 -0.52
C LEU A 300 -11.19 19.51 0.75
N ALA A 301 -10.66 20.01 1.86
CA ALA A 301 -11.32 19.79 3.14
C ALA A 301 -12.43 20.80 3.42
N GLY A 302 -13.52 20.27 3.99
CA GLY A 302 -14.62 21.07 4.49
C GLY A 302 -14.35 21.51 5.91
N SER A 303 -15.41 21.66 6.70
CA SER A 303 -15.26 22.09 8.08
C SER A 303 -15.57 20.93 9.01
N GLN A 304 -16.38 20.01 8.51
CA GLN A 304 -16.80 18.84 9.28
C GLN A 304 -15.85 17.66 9.12
N PRO A 305 -15.99 16.64 9.99
CA PRO A 305 -15.28 15.41 9.71
C PRO A 305 -15.71 14.83 8.36
N ARG A 306 -14.97 13.83 7.90
CA ARG A 306 -15.32 13.14 6.68
C ARG A 306 -14.67 11.77 6.58
N PHE A 307 -15.50 10.78 6.26
CA PHE A 307 -15.08 9.41 5.93
C PHE A 307 -15.15 9.18 4.44
N SER A 308 -14.27 8.33 3.93
CA SER A 308 -14.34 7.93 2.52
C SER A 308 -13.83 6.52 2.30
N SER A 309 -14.58 5.76 1.53
CA SER A 309 -14.17 4.43 1.14
C SER A 309 -13.80 4.44 -0.34
N THR A 310 -12.51 4.30 -0.62
CA THR A 310 -12.01 4.36 -1.99
C THR A 310 -11.61 2.95 -2.50
N HIS A 311 -12.44 2.40 -3.40
CA HIS A 311 -12.31 1.00 -3.87
C HIS A 311 -11.43 0.84 -5.10
N ARG A 312 -10.42 0.00 -4.97
CA ARG A 312 -9.31 -0.04 -5.91
C ARG A 312 -9.09 -1.44 -6.48
N VAL A 313 -8.55 -1.51 -7.70
CA VAL A 313 -8.05 -2.77 -8.22
C VAL A 313 -6.53 -2.72 -8.06
N ALA A 314 -6.10 -3.23 -6.92
CA ALA A 314 -4.71 -3.24 -6.51
C ALA A 314 -3.88 -4.21 -7.35
N GLU A 315 -2.69 -3.77 -7.73
CA GLU A 315 -1.78 -4.60 -8.49
C GLU A 315 -0.97 -5.50 -7.54
N CYS A 316 -1.51 -6.68 -7.25
CA CYS A 316 -0.92 -7.49 -6.21
C CYS A 316 -0.11 -8.69 -6.76
N SER A 317 0.36 -8.62 -8.00
CA SER A 317 1.13 -9.73 -8.57
C SER A 317 2.43 -10.05 -7.77
N THR A 318 2.84 -9.11 -6.93
CA THR A 318 3.82 -9.38 -5.88
C THR A 318 3.20 -9.21 -4.49
N GLY A 319 1.90 -8.90 -4.45
CA GLY A 319 1.23 -8.48 -3.23
C GLY A 319 0.37 -9.44 -2.42
N THR A 320 0.33 -10.71 -2.79
CA THR A 320 -0.56 -11.66 -2.12
C THR A 320 0.19 -12.71 -1.29
N LEU A 321 -0.25 -12.90 -0.04
CA LEU A 321 0.42 -13.87 0.83
C LEU A 321 0.86 -15.11 0.04
N ASP A 322 -0.09 -15.71 -0.69
CA ASP A 322 0.21 -16.81 -1.61
C ASP A 322 1.44 -16.51 -2.45
N TYR A 323 1.57 -15.25 -2.86
CA TYR A 323 2.74 -14.87 -3.65
C TYR A 323 4.02 -15.00 -2.84
N ILE A 324 4.11 -14.26 -1.72
CA ILE A 324 5.37 -14.22 -0.99
C ILE A 324 5.70 -15.63 -0.44
N LEU A 325 4.66 -16.38 -0.06
CA LEU A 325 4.85 -17.75 0.43
C LEU A 325 5.50 -18.61 -0.62
N GLN A 326 4.90 -18.68 -1.81
CA GLN A 326 5.48 -19.52 -2.85
C GLN A 326 6.90 -19.05 -3.22
N ARG A 327 7.18 -17.75 -3.05
CA ARG A 327 8.52 -17.23 -3.31
C ARG A 327 9.51 -17.86 -2.38
N CYS A 328 9.13 -17.88 -1.10
CA CYS A 328 9.89 -18.56 -0.07
C CYS A 328 10.11 -20.03 -0.42
N GLN A 329 9.03 -20.72 -0.77
CA GLN A 329 9.11 -22.12 -1.09
C GLN A 329 10.15 -22.34 -2.21
N LEU A 330 10.09 -21.54 -3.26
CA LEU A 330 11.07 -21.65 -4.33
C LEU A 330 12.51 -21.42 -3.84
N ALA A 331 12.67 -20.50 -2.91
CA ALA A 331 14.00 -20.20 -2.41
C ALA A 331 14.58 -21.34 -1.54
N LEU A 332 13.68 -22.14 -0.95
CA LEU A 332 14.05 -23.23 -0.05
C LEU A 332 14.16 -24.58 -0.73
N GLN A 333 14.08 -24.57 -2.06
CA GLN A 333 14.29 -25.78 -2.83
C GLN A 333 15.79 -26.04 -2.94
N ASN A 334 16.57 -25.09 -2.45
CA ASN A 334 18.01 -25.25 -2.52
C ASN A 334 18.49 -25.85 -1.21
N VAL A 335 17.55 -26.36 -0.43
CA VAL A 335 17.85 -26.86 0.90
C VAL A 335 17.52 -28.34 1.08
N CYS A 336 18.47 -29.10 1.65
CA CYS A 336 18.19 -30.44 2.17
C CYS A 336 17.23 -30.24 3.28
N ASP A 337 16.04 -30.77 3.10
CA ASP A 337 14.92 -30.33 3.90
C ASP A 337 14.25 -31.46 4.66
N ASP A 338 15.04 -32.50 4.96
CA ASP A 338 14.58 -33.65 5.76
C ASP A 338 14.19 -33.19 7.16
N VAL A 339 15.04 -32.37 7.74
CA VAL A 339 14.87 -31.85 9.10
C VAL A 339 14.93 -30.33 9.17
N ASP A 340 14.11 -29.75 10.05
CA ASP A 340 14.24 -28.33 10.40
C ASP A 340 15.20 -28.11 11.58
N ASN A 341 16.46 -27.81 11.27
CA ASN A 341 17.42 -27.45 12.30
C ASN A 341 18.39 -26.35 11.82
N ASP A 342 19.24 -25.91 12.74
CA ASP A 342 20.11 -24.78 12.48
C ASP A 342 21.37 -25.12 11.66
N ASP A 343 21.44 -26.30 11.05
CA ASP A 343 22.61 -26.57 10.20
C ASP A 343 22.04 -26.81 8.80
N VAL A 344 21.91 -25.69 8.09
CA VAL A 344 21.41 -25.60 6.74
C VAL A 344 22.47 -26.12 5.78
N SER A 345 22.10 -27.09 4.96
CA SER A 345 22.99 -27.57 3.90
C SER A 345 22.29 -27.36 2.56
N LEU A 346 23.02 -26.85 1.57
CA LEU A 346 22.37 -26.49 0.29
C LEU A 346 22.50 -27.59 -0.76
N LYS A 347 21.65 -27.57 -1.80
CA LYS A 347 21.74 -28.62 -2.80
C LYS A 347 22.50 -28.16 -4.05
N SER A 348 22.62 -26.85 -4.26
CA SER A 348 23.41 -26.32 -5.38
C SER A 348 24.19 -25.10 -4.97
N PHE A 349 25.27 -24.81 -5.69
CA PHE A 349 25.95 -23.52 -5.53
C PHE A 349 26.07 -22.80 -6.88
N GLU A 350 25.23 -23.19 -7.83
CA GLU A 350 25.09 -22.49 -9.10
C GLU A 350 24.85 -21.03 -8.80
N PRO A 351 25.76 -20.14 -9.27
CA PRO A 351 25.64 -18.72 -8.93
C PRO A 351 24.25 -18.17 -9.25
N ALA A 352 23.60 -18.71 -10.27
CA ALA A 352 22.23 -18.31 -10.60
C ALA A 352 21.23 -18.64 -9.47
N VAL A 353 21.20 -19.89 -9.03
CA VAL A 353 20.34 -20.29 -7.91
C VAL A 353 20.69 -19.52 -6.62
N LEU A 354 21.97 -19.21 -6.46
CA LEU A 354 22.46 -18.61 -5.22
C LEU A 354 22.05 -17.13 -5.07
N LYS A 355 21.74 -16.46 -6.17
CA LYS A 355 21.31 -15.06 -6.05
C LYS A 355 19.82 -15.02 -5.86
N GLN A 356 19.11 -15.87 -6.58
CA GLN A 356 17.67 -15.94 -6.50
C GLN A 356 17.15 -16.08 -5.08
N GLY A 357 17.82 -16.91 -4.28
CA GLY A 357 17.39 -17.12 -2.92
C GLY A 357 17.79 -15.94 -2.08
N GLU A 358 18.99 -15.41 -2.31
CA GLU A 358 19.43 -14.25 -1.52
C GLU A 358 18.60 -13.00 -1.86
N GLU A 359 17.91 -13.05 -2.98
CA GLU A 359 17.02 -11.98 -3.41
C GLU A 359 15.66 -12.18 -2.78
N ILE A 360 15.18 -13.43 -2.81
CA ILE A 360 13.94 -13.77 -2.12
C ILE A 360 14.07 -13.50 -0.61
N HIS A 361 15.27 -13.75 -0.07
CA HIS A 361 15.64 -13.36 1.31
C HIS A 361 15.37 -11.87 1.56
N ASN A 362 15.83 -11.02 0.65
CA ASN A 362 15.57 -9.60 0.74
C ASN A 362 14.10 -9.27 0.57
N GLU A 363 13.45 -9.92 -0.41
CA GLU A 363 12.06 -9.59 -0.68
C GLU A 363 11.14 -9.90 0.53
N VAL A 364 11.25 -11.10 1.10
CA VAL A 364 10.44 -11.46 2.26
C VAL A 364 10.82 -10.65 3.50
N GLU A 365 12.08 -10.27 3.60
CA GLU A 365 12.51 -9.50 4.77
C GLU A 365 11.89 -8.10 4.79
N PHE A 366 12.15 -7.37 3.71
CA PHE A 366 11.84 -5.95 3.67
C PHE A 366 10.46 -5.61 3.15
N GLU A 367 9.97 -6.34 2.15
CA GLU A 367 8.67 -6.03 1.58
C GLU A 367 7.55 -6.58 2.45
N TRP A 368 7.92 -7.38 3.44
CA TRP A 368 6.92 -8.07 4.25
C TRP A 368 7.14 -7.90 5.75
N LEU A 369 8.25 -8.45 6.26
CA LEU A 369 8.46 -8.45 7.70
C LEU A 369 8.69 -7.04 8.18
N ARG A 370 9.72 -6.37 7.64
CA ARG A 370 10.05 -4.99 8.03
C ARG A 370 8.85 -4.04 7.81
N GLN A 371 8.12 -4.23 6.73
CA GLN A 371 6.95 -3.40 6.42
C GLN A 371 5.87 -3.63 7.46
N PHE A 372 5.55 -4.91 7.71
CA PHE A 372 4.50 -5.30 8.67
C PHE A 372 4.71 -4.72 10.07
N TRP A 373 5.89 -5.00 10.62
CA TRP A 373 6.19 -4.64 11.99
C TRP A 373 6.46 -3.17 12.20
N PHE A 374 6.77 -2.44 11.12
CA PHE A 374 7.07 -0.99 11.20
C PHE A 374 5.87 -0.19 11.58
N GLN A 375 4.71 -0.59 11.07
CA GLN A 375 3.44 -0.08 11.55
C GLN A 375 3.02 -1.12 12.58
N GLY A 376 3.94 -1.42 13.48
CA GLY A 376 3.70 -2.30 14.62
C GLY A 376 2.39 -2.38 15.37
N ASN A 377 1.85 -3.60 15.47
CA ASN A 377 0.72 -3.88 16.39
C ASN A 377 -0.63 -3.28 16.03
N ARG A 378 -0.78 -2.65 14.87
CA ARG A 378 -2.05 -1.97 14.68
C ARG A 378 -3.20 -2.91 14.29
N TYR A 379 -2.93 -4.03 13.64
CA TYR A 379 -4.01 -4.90 13.16
C TYR A 379 -4.63 -5.75 14.26
N ARG A 380 -3.85 -6.02 15.32
CA ARG A 380 -4.32 -6.80 16.48
C ARG A 380 -5.61 -6.24 17.03
N LYS A 381 -5.85 -4.97 16.72
CA LYS A 381 -7.10 -4.29 16.98
C LYS A 381 -8.23 -4.79 16.05
N CYS A 382 -7.91 -4.88 14.76
CA CYS A 382 -8.91 -5.15 13.75
C CYS A 382 -9.10 -6.65 13.50
N THR A 383 -8.00 -7.33 13.21
CA THR A 383 -8.01 -8.75 12.94
C THR A 383 -6.63 -9.32 13.30
N ASP A 384 -6.56 -10.61 13.58
CA ASP A 384 -5.28 -11.22 13.86
C ASP A 384 -4.82 -11.97 12.62
N TRP A 385 -5.54 -11.78 11.52
CA TRP A 385 -5.39 -12.60 10.32
C TRP A 385 -3.93 -12.90 9.92
N TRP A 386 -3.12 -11.84 9.93
CA TRP A 386 -1.73 -11.86 9.46
C TRP A 386 -0.75 -12.42 10.50
N CYS A 387 -1.23 -12.59 11.74
CA CYS A 387 -0.42 -13.10 12.88
C CYS A 387 0.28 -14.41 12.61
N GLN A 388 -0.50 -15.45 12.38
CA GLN A 388 0.12 -16.72 12.03
C GLN A 388 0.98 -16.53 10.76
N PRO A 389 0.40 -15.98 9.67
CA PRO A 389 1.22 -15.83 8.47
C PRO A 389 2.52 -15.03 8.69
N MET A 390 2.48 -13.96 9.46
CA MET A 390 3.69 -13.15 9.68
C MET A 390 4.69 -13.90 10.56
N ALA A 391 4.15 -14.86 11.32
CA ALA A 391 4.99 -15.74 12.12
C ALA A 391 5.71 -16.66 11.17
N GLN A 392 4.91 -17.32 10.32
CA GLN A 392 5.40 -18.29 9.35
C GLN A 392 6.40 -17.66 8.38
N LEU A 393 6.16 -16.41 8.02
CA LEU A 393 7.05 -15.76 7.09
C LEU A 393 8.32 -15.44 7.82
N GLU A 394 8.21 -15.13 9.11
CA GLU A 394 9.40 -14.86 9.91
C GLU A 394 10.22 -16.15 10.04
N ALA A 395 9.51 -17.26 10.18
CA ALA A 395 10.09 -18.58 10.29
C ALA A 395 10.96 -18.89 9.07
N LEU A 396 10.33 -18.81 7.90
CA LEU A 396 11.00 -19.01 6.61
C LEU A 396 12.18 -18.07 6.45
N TRP A 397 12.05 -16.88 7.03
CA TRP A 397 13.08 -15.88 6.87
C TRP A 397 14.34 -16.31 7.61
N LYS A 398 14.20 -16.88 8.82
CA LYS A 398 15.40 -17.37 9.55
C LYS A 398 16.16 -18.44 8.81
N LYS A 399 15.43 -19.41 8.23
CA LYS A 399 16.06 -20.47 7.47
C LYS A 399 16.93 -19.83 6.37
N MET A 400 16.44 -18.75 5.79
CA MET A 400 17.22 -18.02 4.79
C MET A 400 18.41 -17.26 5.40
N GLU A 401 18.30 -16.84 6.67
CA GLU A 401 19.48 -16.27 7.32
C GLU A 401 20.52 -17.39 7.41
N GLY A 402 20.04 -18.62 7.56
CA GLY A 402 20.92 -19.77 7.59
C GLY A 402 21.47 -20.09 6.23
N VAL A 403 20.65 -19.97 5.19
CA VAL A 403 21.10 -20.27 3.83
C VAL A 403 22.22 -19.32 3.47
N THR A 404 22.07 -18.09 3.93
CA THR A 404 23.04 -17.04 3.69
C THR A 404 24.34 -17.45 4.33
N ASN A 405 24.26 -17.76 5.62
CA ASN A 405 25.39 -18.28 6.37
C ASN A 405 26.10 -19.39 5.57
N ALA A 406 25.29 -20.38 5.15
CA ALA A 406 25.72 -21.57 4.45
C ALA A 406 26.55 -21.22 3.23
N VAL A 407 26.09 -20.23 2.47
CA VAL A 407 26.84 -19.74 1.31
C VAL A 407 28.14 -19.08 1.71
N LEU A 408 28.12 -18.42 2.87
CA LEU A 408 29.31 -17.71 3.31
C LEU A 408 30.37 -18.68 3.75
N HIS A 409 29.96 -19.74 4.46
CA HIS A 409 30.89 -20.77 4.90
C HIS A 409 31.55 -21.49 3.71
N GLU A 410 30.76 -21.73 2.65
CA GLU A 410 31.27 -22.36 1.43
C GLU A 410 32.30 -21.50 0.64
N VAL A 411 32.20 -20.16 0.66
CA VAL A 411 33.12 -19.34 -0.14
C VAL A 411 34.51 -19.15 0.47
N LYS A 412 34.71 -19.61 1.71
CA LYS A 412 36.07 -19.68 2.25
C LYS A 412 36.46 -21.10 2.67
N ARG A 413 35.68 -22.09 2.21
CA ARG A 413 36.00 -23.50 2.36
C ARG A 413 37.26 -23.88 1.58
N GLU A 414 38.17 -24.65 2.19
CA GLU A 414 39.56 -24.76 1.71
C GLU A 414 39.85 -25.30 0.29
N GLY A 415 39.19 -26.37 -0.15
CA GLY A 415 39.37 -26.80 -1.53
C GLY A 415 38.37 -26.28 -2.55
N LEU A 416 38.15 -24.96 -2.54
CA LEU A 416 37.29 -24.32 -3.52
C LEU A 416 38.08 -23.42 -4.44
N PRO A 417 38.14 -23.80 -5.74
CA PRO A 417 38.87 -23.05 -6.79
C PRO A 417 38.42 -21.60 -6.89
N VAL A 418 39.36 -20.66 -6.75
CA VAL A 418 39.00 -19.24 -6.61
C VAL A 418 38.19 -18.75 -7.82
N GLU A 419 38.24 -19.50 -8.91
CA GLU A 419 37.59 -19.07 -10.14
C GLU A 419 36.08 -18.98 -10.03
N GLN A 420 35.44 -19.93 -9.38
CA GLN A 420 34.00 -19.81 -9.21
C GLN A 420 33.62 -19.54 -7.74
N ARG A 421 34.62 -19.34 -6.88
CA ARG A 421 34.36 -18.69 -5.59
C ARG A 421 33.98 -17.26 -5.90
N ASN A 422 34.74 -16.65 -6.82
CA ASN A 422 34.45 -15.32 -7.32
C ASN A 422 33.20 -15.25 -8.20
N GLU A 423 32.86 -16.33 -8.87
CA GLU A 423 31.57 -16.37 -9.53
C GLU A 423 30.48 -16.24 -8.46
N ILE A 424 30.66 -16.94 -7.34
CA ILE A 424 29.68 -16.94 -6.24
C ILE A 424 29.56 -15.56 -5.60
N LEU A 425 30.69 -14.91 -5.35
CA LEU A 425 30.69 -13.54 -4.83
C LEU A 425 29.86 -12.62 -5.71
N THR A 426 30.29 -12.44 -6.96
CA THR A 426 29.55 -11.69 -7.98
C THR A 426 28.04 -11.98 -7.98
N ALA A 427 27.70 -13.26 -7.79
CA ALA A 427 26.31 -13.71 -7.76
C ALA A 427 25.48 -13.09 -6.64
N ILE A 428 26.05 -13.06 -5.43
CA ILE A 428 25.30 -12.68 -4.24
C ILE A 428 25.61 -11.29 -3.72
N LEU A 429 26.62 -10.64 -4.28
CA LEU A 429 27.16 -9.42 -3.70
C LEU A 429 26.16 -8.26 -3.66
N ALA A 430 25.66 -7.88 -4.84
CA ALA A 430 24.64 -6.84 -4.93
C ALA A 430 23.51 -7.06 -3.91
N SER A 431 23.19 -8.33 -3.63
CA SER A 431 22.09 -8.69 -2.73
C SER A 431 22.38 -8.40 -1.27
N LEU A 432 23.62 -8.68 -0.89
CA LEU A 432 24.03 -8.50 0.49
C LEU A 432 24.29 -7.03 0.76
N THR A 433 24.62 -6.29 -0.30
CA THR A 433 24.79 -4.83 -0.24
C THR A 433 23.41 -4.20 0.04
N ALA A 434 22.48 -4.43 -0.90
CA ALA A 434 21.11 -3.94 -0.78
C ALA A 434 20.44 -4.34 0.52
N ARG A 435 20.85 -5.48 1.08
CA ARG A 435 20.36 -5.92 2.37
C ARG A 435 20.93 -5.07 3.48
N GLN A 436 22.06 -4.43 3.21
CA GLN A 436 22.62 -3.52 4.21
C GLN A 436 21.97 -2.13 4.11
N ASN A 437 22.05 -1.54 2.92
CA ASN A 437 21.37 -0.29 2.59
C ASN A 437 19.96 -0.22 3.18
N LEU A 438 19.19 -1.29 2.99
CA LEU A 438 17.80 -1.33 3.40
C LEU A 438 17.65 -1.61 4.89
N ARG A 439 18.63 -2.32 5.47
CA ARG A 439 18.62 -2.59 6.89
C ARG A 439 18.92 -1.32 7.66
N ARG A 440 19.88 -0.53 7.17
CA ARG A 440 20.19 0.78 7.77
C ARG A 440 18.94 1.68 7.73
N GLU A 441 18.40 1.84 6.53
CA GLU A 441 17.21 2.66 6.30
C GLU A 441 16.00 2.24 7.14
N TRP A 442 15.82 0.95 7.37
CA TRP A 442 14.69 0.52 8.17
C TRP A 442 14.99 0.76 9.65
N HIS A 443 16.22 0.49 10.05
CA HIS A 443 16.69 0.81 11.39
C HIS A 443 16.46 2.29 11.69
N ALA A 444 16.82 3.15 10.73
CA ALA A 444 16.80 4.58 10.96
C ALA A 444 15.39 5.13 10.95
N ARG A 445 14.51 4.53 10.17
CA ARG A 445 13.20 5.13 9.92
C ARG A 445 12.18 4.78 10.99
N CYS A 446 12.47 3.76 11.79
CA CYS A 446 11.50 3.34 12.79
C CYS A 446 12.01 3.65 14.20
N GLN A 447 13.16 4.30 14.28
CA GLN A 447 13.54 4.98 15.50
C GLN A 447 13.99 6.44 15.22
N SER A 448 13.62 6.98 14.05
CA SER A 448 13.55 8.43 13.89
C SER A 448 12.56 8.92 14.93
N ARG A 449 12.58 10.19 15.29
CA ARG A 449 11.82 10.43 16.51
C ARG A 449 10.46 11.09 16.27
N ILE A 450 10.10 11.41 15.02
CA ILE A 450 8.65 11.48 14.75
C ILE A 450 8.05 10.11 15.05
N ALA A 451 8.88 9.07 15.00
CA ALA A 451 8.41 7.70 15.17
C ALA A 451 8.10 7.31 16.63
N ARG A 452 8.90 7.77 17.58
CA ARG A 452 8.59 7.43 18.96
C ARG A 452 7.70 8.50 19.65
N THR A 453 7.40 9.60 18.94
CA THR A 453 6.37 10.53 19.43
C THR A 453 4.99 9.87 19.40
N LEU A 454 4.89 8.76 18.67
CA LEU A 454 3.70 7.93 18.69
C LEU A 454 3.59 7.23 20.05
N PRO A 455 2.35 6.93 20.46
CA PRO A 455 2.11 6.37 21.81
C PRO A 455 2.46 4.87 21.99
N ALA A 456 1.75 4.22 22.91
CA ALA A 456 2.09 2.89 23.40
C ALA A 456 2.04 1.79 22.35
N ASP A 457 0.87 1.59 21.74
CA ASP A 457 0.69 0.53 20.74
C ASP A 457 0.82 1.04 19.30
N GLN A 458 1.40 2.23 19.16
CA GLN A 458 1.60 2.86 17.85
C GLN A 458 3.07 2.81 17.44
N LYS A 459 3.94 2.34 18.33
CA LYS A 459 5.38 2.41 18.06
C LYS A 459 5.82 1.61 16.86
N PRO A 460 6.66 2.22 16.02
CA PRO A 460 7.41 1.49 15.01
C PRO A 460 8.35 0.47 15.65
N GLU A 461 8.04 -0.80 15.46
CA GLU A 461 8.92 -1.85 15.89
C GLU A 461 9.90 -2.28 14.78
N CYS A 462 11.20 -2.29 15.10
CA CYS A 462 12.24 -2.76 14.19
C CYS A 462 12.36 -4.27 14.27
N ARG A 463 11.49 -4.99 13.58
CA ARG A 463 11.50 -6.44 13.67
C ARG A 463 11.69 -7.07 12.28
N PRO A 464 12.47 -8.17 12.21
CA PRO A 464 13.27 -8.78 13.28
C PRO A 464 14.58 -8.02 13.61
N TYR A 465 15.07 -8.24 14.83
CA TYR A 465 16.26 -7.56 15.31
C TYR A 465 16.95 -8.42 16.37
N TRP A 466 18.28 -8.45 16.31
CA TRP A 466 19.13 -9.18 17.26
C TRP A 466 20.48 -8.45 17.31
N GLU A 467 21.30 -8.75 18.31
CA GLU A 467 22.65 -8.17 18.35
C GLU A 467 23.73 -9.20 18.59
N LYS A 468 24.97 -8.71 18.52
CA LYS A 468 26.19 -9.48 18.74
C LYS A 468 25.99 -10.53 19.83
N ASP A 469 25.41 -10.09 20.95
CA ASP A 469 25.18 -10.98 22.05
C ASP A 469 23.89 -11.72 21.75
N ASP A 470 23.92 -12.45 20.64
CA ASP A 470 22.88 -13.42 20.33
C ASP A 470 23.44 -14.52 19.44
N ALA A 471 23.60 -15.70 20.00
CA ALA A 471 24.05 -16.82 19.21
C ALA A 471 22.88 -17.75 18.91
N SER A 472 21.65 -17.20 18.96
CA SER A 472 20.51 -17.91 18.41
C SER A 472 20.41 -17.58 16.90
N MET A 473 21.06 -16.49 16.50
CA MET A 473 21.11 -16.08 15.10
C MET A 473 22.47 -16.43 14.50
N PRO A 474 22.46 -17.14 13.36
CA PRO A 474 23.70 -17.49 12.65
C PRO A 474 24.46 -16.28 12.11
N LEU A 475 23.79 -15.15 11.91
CA LEU A 475 24.45 -13.99 11.32
C LEU A 475 24.14 -12.72 12.10
N PRO A 476 25.06 -11.74 12.07
CA PRO A 476 24.87 -10.45 12.75
C PRO A 476 23.83 -9.62 12.04
N PHE A 477 23.22 -8.66 12.74
CA PHE A 477 22.34 -7.74 12.06
C PHE A 477 23.14 -6.81 11.15
N ASP A 478 24.24 -6.28 11.66
CA ASP A 478 25.12 -5.45 10.86
C ASP A 478 25.97 -6.38 9.99
N LEU A 479 25.99 -6.13 8.69
CA LEU A 479 26.80 -6.96 7.81
C LEU A 479 27.92 -6.16 7.17
N THR A 480 28.22 -4.98 7.75
CA THR A 480 29.00 -3.95 7.04
C THR A 480 30.30 -4.50 6.49
N ASP A 481 31.08 -5.17 7.33
CA ASP A 481 32.23 -5.89 6.81
C ASP A 481 32.10 -7.38 7.03
N ILE A 482 31.01 -7.90 6.50
CA ILE A 482 31.01 -9.23 5.94
C ILE A 482 31.06 -8.91 4.46
N VAL A 483 30.39 -7.82 4.12
CA VAL A 483 30.21 -7.35 2.74
C VAL A 483 31.48 -6.83 2.13
N SER A 484 32.11 -5.89 2.82
CA SER A 484 33.35 -5.31 2.32
C SER A 484 34.39 -6.40 2.18
N GLU A 485 34.36 -7.35 3.12
CA GLU A 485 35.29 -8.47 3.15
C GLU A 485 35.27 -9.27 1.85
N LEU A 486 34.09 -9.36 1.24
CA LEU A 486 33.90 -10.16 0.05
C LEU A 486 34.43 -9.47 -1.23
N ARG A 487 34.28 -8.16 -1.31
CA ARG A 487 34.76 -7.45 -2.50
C ARG A 487 36.27 -7.18 -2.46
N GLY A 488 36.88 -7.39 -1.30
CA GLY A 488 38.33 -7.28 -1.19
C GLY A 488 38.96 -8.44 -1.94
N GLN A 489 38.26 -9.58 -1.84
CA GLN A 489 38.68 -10.82 -2.44
C GLN A 489 38.67 -10.59 -3.93
N LEU A 490 37.53 -10.07 -4.36
CA LEU A 490 37.16 -9.89 -5.77
C LEU A 490 38.03 -8.85 -6.50
N LEU A 491 38.79 -8.05 -5.74
CA LEU A 491 39.75 -7.13 -6.34
C LEU A 491 41.15 -7.78 -6.34
N GLU A 492 41.53 -8.34 -5.19
CA GLU A 492 42.82 -9.02 -5.07
C GLU A 492 42.78 -10.40 -5.72
NI NI B . -6.10 9.24 -4.35
OAA 6MK C . -12.26 10.89 -2.07
CAS 6MK C . -11.19 10.76 -1.43
OAD 6MK C . -11.06 10.57 -0.20
CAE 6MK C . -9.94 10.81 -2.19
CAF 6MK C . -9.00 9.89 -1.51
CAT 6MK C . -7.72 9.79 -2.25
OAB 6MK C . -7.51 10.35 -3.32
NAQ 6MK C . -6.71 9.00 -1.73
NAR 6MK C . -5.48 8.84 -2.34
CAU 6MK C . -4.78 7.63 -2.16
OAC 6MK C . -5.28 6.76 -1.47
CAX 6MK C . -3.39 7.41 -2.75
CAN 6MK C . -3.04 6.29 -3.59
NAP 6MK C . -1.78 6.09 -4.12
CAJ 6MK C . -0.80 7.03 -3.81
CAM 6MK C . -1.07 8.16 -3.01
CAW 6MK C . -2.38 8.34 -2.47
CAO 6MK C . -2.76 9.48 -1.59
CAV 6MK C . -1.80 10.35 -0.88
CAK 6MK C . -1.67 10.30 0.53
CAH 6MK C . -0.76 11.16 1.20
CAG 6MK C . 0.01 12.08 0.47
CAI 6MK C . -0.12 12.12 -0.94
CAL 6MK C . -1.02 11.27 -1.60
#